data_35C8
#
_entry.id   35C8
#
_cell.length_a   111.200
_cell.length_b   79.900
_cell.length_c   65.000
_cell.angle_alpha   90.00
_cell.angle_beta   118.20
_cell.angle_gamma   90.00
#
_symmetry.space_group_name_H-M   'C 1 2 1'
#
loop_
_entity.id
_entity.type
_entity.pdbx_description
1 polymer 'IGG 5C8'
2 polymer 'IGG 5C8'
3 non-polymer N-(PARA-GLUTARAMIDOPHENYL-ETHYL)-PIPERIDINIUM-N-OXIDE
4 water water
#
loop_
_entity_poly.entity_id
_entity_poly.type
_entity_poly.pdbx_seq_one_letter_code
_entity_poly.pdbx_strand_id
1 'polypeptide(L)'
;DIVLTQSPAIMSASLGERVTMTCTASSSVSSSNLHWYQQKPGSSPKLWIYSTSNLASGVPARFSGSGSGTSYSLTISSME
AEDAATYYCHQYHRSPYTFGGGTKLEIKRADAAPTVSIFPPSSEQLTSGGASVVCFLNNFYPKDINVKWKIDGSERQNGV
LNSWTDQDSKDSTYSMSSTLTLTKDEYERHNSYTCEATHKTSTSPIVKSFNR
;
L
2 'polypeptide(L)'
;EVQLQQSGAELVKPGASVKLSCTASGFNIKDTYMHWVKQKPEQGLEWIAQIDPANGNTKYDPKFQGKATITADTSSNTAY
LHLSSLTSEDSAVYYCAADPPYYGHGDYWGQGTTLTVSSAKTTPPSVYPLAPGSAAQTNSMVTLGCLVKGYFPEPVTVTW
NSGSLSSGVHTFPAVLQSDLYTLSSSVTVPSSTWPSETVTCNVAHPASSTKVDKKIV
;
H
#
# COMPACT_ATOMS: atom_id res chain seq x y z
N ASP A 1 20.31 -6.61 -15.05
CA ASP A 1 19.73 -7.63 -15.96
C ASP A 1 19.82 -9.07 -15.48
N ILE A 2 20.42 -9.29 -14.32
CA ILE A 2 20.44 -10.62 -13.73
C ILE A 2 19.04 -10.59 -13.11
N VAL A 3 18.11 -11.32 -13.70
CA VAL A 3 16.74 -11.36 -13.21
C VAL A 3 16.62 -12.27 -11.99
N LEU A 4 15.90 -11.82 -10.97
CA LEU A 4 15.71 -12.61 -9.75
C LEU A 4 14.25 -13.01 -9.63
N THR A 5 13.97 -14.30 -9.57
CA THR A 5 12.60 -14.79 -9.44
C THR A 5 12.32 -15.39 -8.05
N GLN A 6 11.31 -14.84 -7.38
CA GLN A 6 10.93 -15.33 -6.06
C GLN A 6 9.66 -16.19 -6.07
N SER A 7 9.69 -17.26 -5.30
CA SER A 7 8.59 -18.20 -5.21
C SER A 7 8.35 -18.57 -3.76
N PRO A 8 7.08 -18.55 -3.33
CA PRO A 8 5.94 -18.20 -4.20
C PRO A 8 5.79 -16.70 -4.12
N ALA A 9 4.87 -16.13 -4.91
CA ALA A 9 4.65 -14.69 -4.88
C ALA A 9 4.00 -14.31 -3.57
N ILE A 10 3.02 -15.10 -3.14
CA ILE A 10 2.30 -14.85 -1.90
C ILE A 10 2.18 -16.19 -1.21
N MET A 11 2.19 -16.18 0.11
CA MET A 11 2.06 -17.43 0.84
C MET A 11 1.63 -17.20 2.28
N SER A 12 0.84 -18.13 2.79
CA SER A 12 0.31 -18.03 4.15
C SER A 12 0.93 -19.08 5.03
N ALA A 13 1.11 -18.74 6.30
CA ALA A 13 1.70 -19.66 7.23
C ALA A 13 1.02 -19.53 8.58
N SER A 14 0.65 -20.67 9.15
CA SER A 14 0.01 -20.67 10.46
C SER A 14 1.14 -20.37 11.44
N LEU A 15 0.81 -19.81 12.60
CA LEU A 15 1.84 -19.51 13.58
C LEU A 15 2.54 -20.82 13.97
N GLY A 16 3.84 -20.76 14.21
CA GLY A 16 4.61 -21.95 14.58
C GLY A 16 5.08 -22.80 13.40
N GLU A 17 4.51 -22.57 12.24
CA GLU A 17 4.84 -23.32 11.03
C GLU A 17 6.23 -22.98 10.46
N ARG A 18 6.90 -23.97 9.87
CA ARG A 18 8.20 -23.72 9.25
C ARG A 18 7.92 -23.09 7.90
N VAL A 19 8.70 -22.09 7.51
CA VAL A 19 8.49 -21.41 6.22
C VAL A 19 9.77 -21.35 5.40
N THR A 20 9.66 -21.63 4.10
CA THR A 20 10.79 -21.53 3.20
C THR A 20 10.37 -20.83 1.92
N MET A 21 11.16 -19.88 1.47
CA MET A 21 10.88 -19.18 0.23
C MET A 21 12.17 -19.15 -0.57
N THR A 22 12.05 -19.13 -1.89
CA THR A 22 13.24 -19.15 -2.72
C THR A 22 13.44 -17.92 -3.58
N CYS A 23 14.66 -17.78 -4.06
CA CYS A 23 15.06 -16.68 -4.92
C CYS A 23 16.00 -17.28 -5.95
N THR A 24 15.60 -17.22 -7.22
CA THR A 24 16.44 -17.78 -8.28
C THR A 24 16.92 -16.70 -9.24
N ALA A 25 18.22 -16.73 -9.54
CA ALA A 25 18.88 -15.77 -10.42
C ALA A 25 19.07 -16.29 -11.85
N SER A 26 18.86 -15.42 -12.83
CA SER A 26 19.02 -15.82 -14.22
C SER A 26 20.46 -16.20 -14.53
N SER A 27 21.41 -15.62 -13.80
CA SER A 27 22.84 -15.91 -13.96
C SER A 27 23.37 -16.08 -12.57
N SER A 28 24.49 -16.76 -12.47
CA SER A 28 25.10 -17.02 -11.17
C SER A 28 25.60 -15.72 -10.53
N VAL A 29 25.48 -15.61 -9.21
CA VAL A 29 26.02 -14.45 -8.50
C VAL A 29 26.81 -14.95 -7.30
N SER A 30 27.74 -14.13 -6.81
CA SER A 30 28.51 -14.49 -5.66
C SER A 30 27.53 -14.51 -4.50
N SER A 31 27.64 -15.51 -3.63
CA SER A 31 26.74 -15.62 -2.49
C SER A 31 26.98 -14.46 -1.51
N SER A 32 28.11 -13.79 -1.64
CA SER A 32 28.44 -12.66 -0.76
C SER A 32 27.68 -11.41 -1.16
N ASN A 33 27.09 -11.44 -2.36
CA ASN A 33 26.38 -10.30 -2.94
C ASN A 33 24.90 -10.56 -3.09
N LEU A 34 24.40 -11.58 -2.40
CA LEU A 34 22.98 -11.83 -2.50
C LEU A 34 22.38 -11.56 -1.15
N HIS A 35 21.47 -10.61 -1.10
CA HIS A 35 20.85 -10.20 0.14
C HIS A 35 19.33 -10.29 0.17
N TRP A 36 18.75 -10.21 1.36
CA TRP A 36 17.30 -10.25 1.54
C TRP A 36 16.85 -9.05 2.36
N TYR A 37 15.73 -8.44 2.00
CA TYR A 37 15.19 -7.30 2.75
C TYR A 37 13.78 -7.63 3.19
N GLN A 38 13.37 -7.07 4.32
CA GLN A 38 12.01 -7.29 4.75
C GLN A 38 11.35 -5.94 4.64
N GLN A 39 10.11 -5.90 4.15
CA GLN A 39 9.40 -4.64 4.09
C GLN A 39 7.98 -4.78 4.61
N LYS A 40 7.55 -3.82 5.41
CA LYS A 40 6.19 -3.84 5.93
C LYS A 40 5.55 -2.55 5.41
N PRO A 41 4.24 -2.58 5.10
CA PRO A 41 3.55 -1.39 4.57
C PRO A 41 3.87 -0.11 5.32
N GLY A 42 4.23 0.93 4.57
CA GLY A 42 4.50 2.21 5.19
C GLY A 42 5.89 2.50 5.71
N SER A 43 6.83 1.56 5.56
CA SER A 43 8.20 1.80 5.99
C SER A 43 9.19 1.32 4.92
N SER A 44 10.44 1.75 5.05
CA SER A 44 11.48 1.38 4.09
C SER A 44 11.92 -0.08 4.20
N PRO A 45 12.52 -0.63 3.12
CA PRO A 45 12.97 -2.01 3.21
C PRO A 45 14.05 -2.04 4.28
N LYS A 46 14.16 -3.16 4.99
CA LYS A 46 15.15 -3.29 6.06
C LYS A 46 15.99 -4.53 5.77
N LEU A 47 17.31 -4.40 5.86
CA LEU A 47 18.20 -5.53 5.59
C LEU A 47 17.86 -6.63 6.59
N TRP A 48 17.62 -7.83 6.08
CA TRP A 48 17.24 -8.97 6.89
C TRP A 48 18.35 -10.03 6.96
N ILE A 49 18.84 -10.42 5.79
CA ILE A 49 19.92 -11.40 5.68
C ILE A 49 20.92 -10.86 4.67
N TYR A 50 22.19 -10.76 5.07
CA TYR A 50 23.21 -10.29 4.14
C TYR A 50 24.11 -11.43 3.72
N SER A 51 24.66 -11.31 2.52
CA SER A 51 25.56 -12.32 2.00
C SER A 51 25.02 -13.73 2.13
N THR A 52 23.79 -13.92 1.65
CA THR A 52 23.11 -15.22 1.66
C THR A 52 22.63 -15.86 2.99
N SER A 53 23.53 -16.00 3.97
CA SER A 53 23.21 -16.68 5.21
C SER A 53 23.44 -15.96 6.55
N ASN A 54 23.80 -14.69 6.52
CA ASN A 54 24.06 -13.97 7.78
C ASN A 54 22.88 -13.09 8.17
N LEU A 55 22.49 -13.16 9.43
CA LEU A 55 21.38 -12.36 9.89
C LEU A 55 21.82 -10.93 10.19
N ALA A 56 20.98 -9.98 9.80
CA ALA A 56 21.29 -8.57 10.05
C ALA A 56 21.04 -8.25 11.54
N SER A 57 21.55 -7.11 11.99
CA SER A 57 21.39 -6.74 13.41
C SER A 57 19.93 -6.80 13.87
N GLY A 58 19.70 -7.44 15.01
CA GLY A 58 18.35 -7.55 15.53
C GLY A 58 17.41 -8.54 14.85
N VAL A 59 17.87 -9.25 13.82
CA VAL A 59 16.98 -10.22 13.17
C VAL A 59 16.94 -11.49 14.02
N PRO A 60 15.73 -11.99 14.33
CA PRO A 60 15.52 -13.21 15.13
C PRO A 60 16.28 -14.45 14.65
N ALA A 61 16.72 -15.28 15.59
CA ALA A 61 17.46 -16.51 15.28
C ALA A 61 16.63 -17.52 14.46
N ARG A 62 15.31 -17.38 14.50
CA ARG A 62 14.44 -18.28 13.75
C ARG A 62 14.63 -18.18 12.25
N PHE A 63 15.26 -17.10 11.79
CA PHE A 63 15.48 -16.90 10.36
C PHE A 63 16.82 -17.50 9.91
N SER A 64 16.88 -17.92 8.66
CA SER A 64 18.11 -18.46 8.09
C SER A 64 18.11 -18.31 6.57
N GLY A 65 19.30 -18.42 5.98
CA GLY A 65 19.46 -18.30 4.53
C GLY A 65 20.44 -19.33 3.98
N SER A 66 20.22 -19.75 2.74
CA SER A 66 21.08 -20.76 2.14
C SER A 66 21.22 -20.56 0.64
N GLY A 67 22.30 -21.07 0.08
CA GLY A 67 22.47 -20.97 -1.36
C GLY A 67 23.78 -20.48 -1.90
N SER A 68 23.87 -20.51 -3.23
CA SER A 68 25.05 -20.07 -3.96
C SER A 68 24.73 -20.21 -5.45
N GLY A 69 25.58 -19.65 -6.30
CA GLY A 69 25.32 -19.73 -7.73
C GLY A 69 24.04 -19.01 -8.10
N THR A 70 23.03 -19.74 -8.55
CA THR A 70 21.75 -19.15 -8.98
C THR A 70 20.58 -19.49 -8.07
N SER A 71 20.82 -20.28 -7.03
CA SER A 71 19.72 -20.71 -6.17
C SER A 71 19.87 -20.35 -4.71
N TYR A 72 18.89 -19.61 -4.20
CA TYR A 72 18.90 -19.17 -2.81
C TYR A 72 17.54 -19.31 -2.14
N SER A 73 17.58 -19.31 -0.81
CA SER A 73 16.36 -19.43 -0.03
C SER A 73 16.47 -18.72 1.32
N LEU A 74 15.32 -18.37 1.87
CA LEU A 74 15.22 -17.75 3.19
C LEU A 74 14.30 -18.69 3.98
N THR A 75 14.70 -19.07 5.18
CA THR A 75 13.83 -19.96 5.94
C THR A 75 13.53 -19.43 7.33
N ILE A 76 12.31 -19.65 7.81
CA ILE A 76 11.94 -19.23 9.17
C ILE A 76 11.64 -20.54 9.91
N SER A 77 12.44 -20.87 10.91
CA SER A 77 12.21 -22.12 11.66
C SER A 77 10.78 -22.27 12.17
N SER A 78 10.26 -21.20 12.78
CA SER A 78 8.91 -21.18 13.32
C SER A 78 8.25 -19.82 13.06
N MET A 79 7.18 -19.81 12.28
CA MET A 79 6.47 -18.58 11.95
C MET A 79 5.88 -17.79 13.13
N GLU A 80 6.16 -16.50 13.19
CA GLU A 80 5.60 -15.68 14.24
C GLU A 80 4.85 -14.55 13.54
N ALA A 81 3.83 -14.01 14.19
CA ALA A 81 2.98 -12.98 13.63
C ALA A 81 3.70 -11.79 13.01
N GLU A 82 4.75 -11.31 13.66
CA GLU A 82 5.48 -10.15 13.14
C GLU A 82 6.45 -10.48 11.98
N ASP A 83 6.42 -11.73 11.51
CA ASP A 83 7.23 -12.18 10.38
C ASP A 83 6.44 -11.84 9.09
N ALA A 84 5.14 -11.61 9.26
CA ALA A 84 4.26 -11.26 8.14
C ALA A 84 4.77 -9.98 7.48
N ALA A 85 5.15 -10.10 6.21
CA ALA A 85 5.69 -8.96 5.48
C ALA A 85 6.10 -9.43 4.10
N THR A 86 6.73 -8.53 3.34
CA THR A 86 7.20 -8.89 2.03
C THR A 86 8.72 -8.99 2.16
N TYR A 87 9.27 -10.07 1.62
CA TYR A 87 10.72 -10.28 1.63
C TYR A 87 11.22 -10.21 0.21
N TYR A 88 12.24 -9.40 0.00
CA TYR A 88 12.84 -9.23 -1.32
C TYR A 88 14.28 -9.69 -1.30
N CYS A 89 14.68 -10.48 -2.28
CA CYS A 89 16.08 -10.86 -2.35
C CYS A 89 16.66 -9.77 -3.26
N HIS A 90 17.95 -9.53 -3.15
CA HIS A 90 18.60 -8.48 -3.91
C HIS A 90 19.98 -8.94 -4.27
N GLN A 91 20.41 -8.65 -5.51
CA GLN A 91 21.76 -9.00 -5.94
C GLN A 91 22.52 -7.70 -6.17
N TYR A 92 23.63 -7.56 -5.45
CA TYR A 92 24.50 -6.40 -5.57
C TYR A 92 25.79 -6.97 -6.17
N HIS A 93 25.64 -7.88 -7.13
CA HIS A 93 26.78 -8.53 -7.76
C HIS A 93 27.28 -7.77 -8.99
N ARG A 94 26.41 -7.59 -9.98
CA ARG A 94 26.75 -6.85 -11.21
C ARG A 94 25.63 -5.87 -11.57
N SER A 95 25.99 -4.70 -12.08
CA SER A 95 24.99 -3.71 -12.46
C SER A 95 24.39 -4.05 -13.81
N PRO A 96 23.10 -3.73 -14.02
CA PRO A 96 22.24 -3.06 -13.03
C PRO A 96 21.88 -3.97 -11.86
N TYR A 97 21.94 -3.45 -10.64
CA TYR A 97 21.59 -4.23 -9.47
C TYR A 97 20.09 -4.41 -9.50
N THR A 98 19.66 -5.61 -9.10
CA THR A 98 18.25 -5.94 -9.16
C THR A 98 17.67 -6.54 -7.89
N PHE A 99 16.34 -6.55 -7.84
CA PHE A 99 15.58 -7.11 -6.71
C PHE A 99 14.61 -8.14 -7.29
N GLY A 100 14.25 -9.14 -6.50
CA GLY A 100 13.28 -10.11 -6.96
C GLY A 100 11.91 -9.44 -6.85
N GLY A 101 10.88 -10.11 -7.39
CA GLY A 101 9.52 -9.59 -7.34
C GLY A 101 8.94 -9.64 -5.93
N GLY A 102 9.59 -10.37 -5.03
CA GLY A 102 9.14 -10.46 -3.65
C GLY A 102 8.26 -11.61 -3.24
N THR A 103 8.30 -11.98 -1.96
CA THR A 103 7.43 -13.03 -1.43
C THR A 103 6.67 -12.37 -0.29
N LYS A 104 5.36 -12.25 -0.45
CA LYS A 104 4.55 -11.66 0.58
C LYS A 104 4.08 -12.79 1.47
N LEU A 105 4.50 -12.72 2.73
CA LEU A 105 4.17 -13.72 3.73
C LEU A 105 3.02 -13.21 4.59
N GLU A 106 1.92 -13.96 4.57
CA GLU A 106 0.75 -13.60 5.36
C GLU A 106 0.51 -14.66 6.43
N ILE A 107 -0.37 -14.35 7.36
CA ILE A 107 -0.69 -15.28 8.44
C ILE A 107 -1.91 -16.11 8.08
N LYS A 108 -1.80 -17.43 8.24
CA LYS A 108 -2.92 -18.32 7.95
C LYS A 108 -3.76 -18.42 9.22
N ARG A 109 -5.07 -18.25 9.06
CA ARG A 109 -6.01 -18.34 10.17
C ARG A 109 -7.21 -19.15 9.70
N ALA A 110 -8.16 -19.38 10.59
CA ALA A 110 -9.36 -20.14 10.25
C ALA A 110 -10.19 -19.32 9.26
N ASP A 111 -10.82 -19.98 8.30
CA ASP A 111 -11.64 -19.30 7.31
C ASP A 111 -12.66 -18.42 8.04
N ALA A 112 -13.16 -17.39 7.36
CA ALA A 112 -14.14 -16.50 7.94
C ALA A 112 -14.97 -15.82 6.86
N ALA A 113 -16.28 -16.01 6.90
CA ALA A 113 -17.19 -15.42 5.92
C ALA A 113 -17.25 -13.90 6.07
N PRO A 114 -17.38 -13.18 4.95
CA PRO A 114 -17.45 -11.71 5.00
C PRO A 114 -18.77 -11.13 5.53
N THR A 115 -18.66 -9.99 6.23
CA THR A 115 -19.82 -9.29 6.76
C THR A 115 -20.11 -8.24 5.70
N VAL A 116 -21.19 -8.46 4.95
CA VAL A 116 -21.57 -7.58 3.86
C VAL A 116 -22.65 -6.56 4.23
N SER A 117 -22.44 -5.32 3.79
CA SER A 117 -23.36 -4.21 4.06
C SER A 117 -23.48 -3.35 2.83
N ILE A 118 -24.70 -3.12 2.37
CA ILE A 118 -24.90 -2.27 1.20
C ILE A 118 -25.43 -0.92 1.65
N PHE A 119 -25.04 0.13 0.95
CA PHE A 119 -25.44 1.50 1.29
C PHE A 119 -25.88 2.27 0.06
N PRO A 120 -27.04 2.93 0.15
CA PRO A 120 -27.56 3.70 -0.98
C PRO A 120 -26.89 5.04 -1.05
N PRO A 121 -27.02 5.73 -2.20
CA PRO A 121 -26.40 7.05 -2.35
C PRO A 121 -26.98 7.96 -1.28
N SER A 122 -26.28 9.06 -0.98
CA SER A 122 -26.76 10.01 0.01
C SER A 122 -27.53 11.13 -0.72
N SER A 123 -28.50 11.74 -0.04
CA SER A 123 -29.27 12.82 -0.66
C SER A 123 -28.31 13.93 -1.04
N GLU A 124 -27.24 14.07 -0.26
CA GLU A 124 -26.24 15.09 -0.51
C GLU A 124 -25.57 14.82 -1.85
N GLN A 125 -25.29 13.56 -2.11
CA GLN A 125 -24.65 13.20 -3.36
C GLN A 125 -25.64 13.33 -4.49
N LEU A 126 -26.87 12.91 -4.23
CA LEU A 126 -27.91 12.99 -5.26
C LEU A 126 -28.14 14.44 -5.69
N THR A 127 -28.02 15.35 -4.74
CA THR A 127 -28.22 16.76 -5.05
C THR A 127 -27.12 17.29 -5.96
N SER A 128 -25.95 16.67 -5.94
CA SER A 128 -24.87 17.12 -6.79
C SER A 128 -24.90 16.39 -8.15
N GLY A 129 -25.92 15.55 -8.34
CA GLY A 129 -26.06 14.84 -9.60
C GLY A 129 -25.28 13.55 -9.74
N GLY A 130 -24.96 12.94 -8.61
CA GLY A 130 -24.21 11.71 -8.63
C GLY A 130 -24.85 10.66 -7.75
N ALA A 131 -24.51 9.41 -7.97
CA ALA A 131 -25.09 8.34 -7.17
C ALA A 131 -24.12 7.17 -7.04
N SER A 132 -23.53 7.04 -5.86
CA SER A 132 -22.59 5.97 -5.57
C SER A 132 -23.23 5.02 -4.60
N VAL A 133 -23.21 3.74 -4.95
CA VAL A 133 -23.78 2.72 -4.08
C VAL A 133 -22.55 2.03 -3.55
N VAL A 134 -22.49 1.86 -2.24
CA VAL A 134 -21.32 1.26 -1.63
C VAL A 134 -21.63 -0.04 -0.97
N CYS A 135 -20.64 -0.94 -0.99
CA CYS A 135 -20.78 -2.24 -0.37
C CYS A 135 -19.49 -2.59 0.37
N PHE A 136 -19.63 -2.95 1.64
CA PHE A 136 -18.48 -3.33 2.47
C PHE A 136 -18.56 -4.83 2.72
N LEU A 137 -17.45 -5.53 2.53
CA LEU A 137 -17.37 -6.96 2.80
C LEU A 137 -16.22 -7.01 3.78
N ASN A 138 -16.54 -6.99 5.06
CA ASN A 138 -15.53 -6.94 6.11
C ASN A 138 -15.16 -8.21 6.83
N ASN A 139 -13.93 -8.21 7.34
CA ASN A 139 -13.35 -9.30 8.11
C ASN A 139 -13.57 -10.73 7.65
N PHE A 140 -13.04 -11.05 6.47
CA PHE A 140 -13.15 -12.41 5.93
C PHE A 140 -11.76 -13.03 5.73
N TYR A 141 -11.75 -14.34 5.49
CA TYR A 141 -10.51 -15.06 5.26
C TYR A 141 -10.82 -16.34 4.52
N PRO A 142 -10.06 -16.68 3.47
CA PRO A 142 -8.93 -15.95 2.90
C PRO A 142 -9.29 -14.76 2.02
N LYS A 143 -8.25 -14.04 1.56
CA LYS A 143 -8.42 -12.85 0.75
C LYS A 143 -9.18 -13.00 -0.55
N ASP A 144 -9.27 -14.22 -1.07
CA ASP A 144 -9.98 -14.45 -2.32
C ASP A 144 -11.46 -14.22 -2.16
N ILE A 145 -11.97 -13.34 -3.01
CA ILE A 145 -13.39 -13.00 -2.98
C ILE A 145 -13.76 -12.32 -4.30
N ASN A 146 -15.00 -12.51 -4.72
CA ASN A 146 -15.50 -11.92 -5.95
C ASN A 146 -16.77 -11.17 -5.58
N VAL A 147 -16.90 -9.96 -6.11
CA VAL A 147 -18.07 -9.13 -5.83
C VAL A 147 -18.76 -8.81 -7.14
N LYS A 148 -20.07 -9.01 -7.17
CA LYS A 148 -20.89 -8.73 -8.35
C LYS A 148 -21.92 -7.64 -8.05
N TRP A 149 -22.06 -6.70 -8.98
CA TRP A 149 -23.03 -5.61 -8.85
C TRP A 149 -24.16 -5.89 -9.84
N LYS A 150 -25.39 -5.95 -9.33
CA LYS A 150 -26.56 -6.21 -10.19
C LYS A 150 -27.61 -5.12 -10.04
N ILE A 151 -27.99 -4.54 -11.15
CA ILE A 151 -29.00 -3.50 -11.17
C ILE A 151 -30.12 -4.00 -12.07
N ASP A 152 -31.30 -4.20 -11.51
CA ASP A 152 -32.45 -4.66 -12.29
C ASP A 152 -32.13 -5.81 -13.26
N GLY A 153 -31.67 -6.94 -12.72
CA GLY A 153 -31.35 -8.10 -13.55
C GLY A 153 -30.18 -7.98 -14.51
N SER A 154 -29.38 -6.94 -14.37
CA SER A 154 -28.25 -6.75 -15.27
C SER A 154 -26.97 -6.56 -14.47
N GLU A 155 -25.98 -7.42 -14.75
CA GLU A 155 -24.69 -7.32 -14.09
C GLU A 155 -24.13 -6.00 -14.57
N ARG A 156 -23.54 -5.27 -13.63
CA ARG A 156 -22.96 -3.98 -13.93
C ARG A 156 -21.46 -4.09 -13.76
N GLN A 157 -20.74 -4.01 -14.86
CA GLN A 157 -19.31 -4.13 -14.78
C GLN A 157 -18.61 -2.77 -14.63
N ASN A 158 -18.75 -1.92 -15.63
CA ASN A 158 -18.09 -0.62 -15.60
C ASN A 158 -18.60 0.30 -14.49
N GLY A 159 -17.73 1.19 -14.03
CA GLY A 159 -18.09 2.12 -12.98
C GLY A 159 -17.96 1.60 -11.56
N VAL A 160 -17.27 0.46 -11.40
CA VAL A 160 -17.06 -0.15 -10.08
C VAL A 160 -15.61 0.11 -9.65
N LEU A 161 -15.43 0.44 -8.38
CA LEU A 161 -14.09 0.70 -7.84
C LEU A 161 -13.95 -0.11 -6.58
N ASN A 162 -12.96 -1.00 -6.55
CA ASN A 162 -12.76 -1.87 -5.40
C ASN A 162 -11.47 -1.50 -4.68
N SER A 163 -11.47 -1.75 -3.38
CA SER A 163 -10.31 -1.44 -2.57
C SER A 163 -10.22 -2.48 -1.46
N TRP A 164 -9.02 -2.99 -1.23
CA TRP A 164 -8.80 -4.00 -0.19
C TRP A 164 -7.86 -3.46 0.88
N THR A 165 -8.06 -3.94 2.09
CA THR A 165 -7.22 -3.54 3.21
C THR A 165 -6.14 -4.59 3.41
N ASP A 166 -5.10 -4.22 4.14
CA ASP A 166 -4.00 -5.12 4.45
C ASP A 166 -4.56 -6.10 5.49
N GLN A 167 -3.94 -7.27 5.61
CA GLN A 167 -4.40 -8.23 6.60
C GLN A 167 -4.47 -7.56 7.97
N ASP A 168 -5.59 -7.73 8.67
CA ASP A 168 -5.76 -7.11 10.00
C ASP A 168 -4.73 -7.58 11.03
N SER A 169 -4.11 -6.62 11.71
CA SER A 169 -3.10 -6.88 12.72
C SER A 169 -3.67 -7.59 13.93
N LYS A 170 -4.97 -7.46 14.13
CA LYS A 170 -5.59 -8.10 15.28
C LYS A 170 -6.21 -9.48 15.00
N ASP A 171 -7.01 -9.61 13.95
CA ASP A 171 -7.65 -10.89 13.66
C ASP A 171 -7.23 -11.58 12.35
N SER A 172 -6.22 -11.02 11.70
CA SER A 172 -5.70 -11.60 10.46
C SER A 172 -6.71 -11.75 9.32
N THR A 173 -7.76 -10.95 9.34
CA THR A 173 -8.77 -11.01 8.27
C THR A 173 -8.56 -9.91 7.25
N TYR A 174 -9.30 -10.00 6.17
CA TYR A 174 -9.22 -8.99 5.13
C TYR A 174 -10.57 -8.30 5.02
N SER A 175 -10.58 -7.11 4.45
CA SER A 175 -11.82 -6.37 4.27
C SER A 175 -11.78 -5.78 2.88
N MET A 176 -12.95 -5.60 2.29
CA MET A 176 -13.07 -5.05 0.95
C MET A 176 -14.18 -4.02 0.88
N SER A 177 -14.01 -3.04 0.01
CA SER A 177 -15.02 -2.01 -0.20
C SER A 177 -15.18 -1.91 -1.69
N SER A 178 -16.43 -1.91 -2.14
CA SER A 178 -16.72 -1.83 -3.55
C SER A 178 -17.73 -0.72 -3.72
N THR A 179 -17.49 0.13 -4.72
CA THR A 179 -18.36 1.25 -5.01
C THR A 179 -18.74 1.31 -6.48
N LEU A 180 -20.04 1.37 -6.72
CA LEU A 180 -20.59 1.46 -8.06
C LEU A 180 -21.11 2.90 -8.20
N THR A 181 -20.59 3.62 -9.19
CA THR A 181 -21.00 5.01 -9.36
C THR A 181 -21.69 5.25 -10.71
N LEU A 182 -22.87 5.86 -10.65
CA LEU A 182 -23.66 6.20 -11.83
C LEU A 182 -24.01 7.66 -11.73
N THR A 183 -24.64 8.19 -12.77
CA THR A 183 -25.05 9.58 -12.73
C THR A 183 -26.33 9.54 -11.90
N LYS A 184 -26.84 10.70 -11.51
CA LYS A 184 -28.06 10.73 -10.72
C LYS A 184 -29.21 10.10 -11.50
N ASP A 185 -29.25 10.35 -12.80
CA ASP A 185 -30.33 9.83 -13.63
C ASP A 185 -30.38 8.32 -13.77
N GLU A 186 -29.27 7.71 -14.18
CA GLU A 186 -29.21 6.26 -14.32
C GLU A 186 -29.74 5.60 -13.07
N TYR A 187 -29.34 6.14 -11.92
CA TYR A 187 -29.74 5.57 -10.65
C TYR A 187 -31.24 5.63 -10.36
N GLU A 188 -31.88 6.75 -10.69
CA GLU A 188 -33.31 6.91 -10.42
C GLU A 188 -34.10 6.05 -11.42
N ARG A 189 -33.43 5.69 -12.51
CA ARG A 189 -34.00 4.87 -13.57
C ARG A 189 -34.21 3.42 -13.17
N HIS A 190 -33.47 2.95 -12.17
CA HIS A 190 -33.59 1.57 -11.74
C HIS A 190 -34.01 1.55 -10.30
N ASN A 191 -34.37 0.39 -9.78
CA ASN A 191 -34.80 0.33 -8.40
C ASN A 191 -34.11 -0.75 -7.58
N SER A 192 -33.68 -1.83 -8.24
CA SER A 192 -33.00 -2.88 -7.49
C SER A 192 -31.50 -2.80 -7.65
N TYR A 193 -30.82 -2.61 -6.53
CA TYR A 193 -29.36 -2.51 -6.47
C TYR A 193 -28.89 -3.62 -5.53
N THR A 194 -28.10 -4.55 -6.10
CA THR A 194 -27.59 -5.67 -5.34
C THR A 194 -26.07 -5.77 -5.38
N CYS A 195 -25.51 -6.23 -4.27
CA CYS A 195 -24.08 -6.43 -4.12
C CYS A 195 -24.01 -7.91 -3.80
N GLU A 196 -23.36 -8.69 -4.66
CA GLU A 196 -23.26 -10.12 -4.44
C GLU A 196 -21.83 -10.59 -4.22
N ALA A 197 -21.61 -11.26 -3.09
CA ALA A 197 -20.28 -11.74 -2.76
C ALA A 197 -20.17 -13.24 -2.69
N THR A 198 -19.24 -13.79 -3.47
CA THR A 198 -19.00 -15.22 -3.46
C THR A 198 -17.65 -15.47 -2.76
N HIS A 199 -17.70 -16.26 -1.68
CA HIS A 199 -16.53 -16.56 -0.89
C HIS A 199 -16.51 -18.05 -0.63
N LYS A 200 -15.32 -18.61 -0.47
CA LYS A 200 -15.14 -20.04 -0.24
C LYS A 200 -15.79 -20.55 1.04
N THR A 201 -16.16 -19.63 1.93
CA THR A 201 -16.77 -20.03 3.18
C THR A 201 -18.19 -20.54 2.97
N SER A 202 -18.71 -20.35 1.76
CA SER A 202 -20.06 -20.80 1.43
C SER A 202 -20.26 -21.02 -0.07
N THR A 203 -21.09 -22.00 -0.41
CA THR A 203 -21.37 -22.33 -1.80
C THR A 203 -22.20 -21.24 -2.46
N SER A 204 -23.32 -20.91 -1.83
CA SER A 204 -24.22 -19.87 -2.35
C SER A 204 -23.70 -18.48 -2.00
N PRO A 205 -23.87 -17.52 -2.91
CA PRO A 205 -23.41 -16.14 -2.66
C PRO A 205 -24.12 -15.41 -1.51
N ILE A 206 -23.46 -14.41 -0.93
CA ILE A 206 -24.06 -13.61 0.13
C ILE A 206 -24.68 -12.45 -0.62
N VAL A 207 -25.96 -12.23 -0.37
CA VAL A 207 -26.65 -11.18 -1.07
C VAL A 207 -27.19 -10.05 -0.21
N LYS A 208 -26.89 -8.83 -0.66
CA LYS A 208 -27.32 -7.61 0.00
C LYS A 208 -27.79 -6.65 -1.07
N SER A 209 -29.01 -6.12 -0.91
CA SER A 209 -29.57 -5.18 -1.87
C SER A 209 -30.56 -4.22 -1.21
N PHE A 210 -31.13 -3.33 -2.00
CA PHE A 210 -32.12 -2.38 -1.53
C PHE A 210 -32.91 -1.92 -2.73
N ASN A 211 -34.05 -1.26 -2.48
CA ASN A 211 -34.91 -0.78 -3.55
C ASN A 211 -35.16 0.72 -3.62
N ARG A 212 -35.26 1.22 -4.85
CA ARG A 212 -35.50 2.60 -5.21
C ARG A 212 -34.23 3.38 -5.53
N GLU B 1 22.60 8.81 16.18
CA GLU B 1 22.40 7.66 15.27
C GLU B 1 22.98 7.94 13.88
N VAL B 2 23.37 6.88 13.19
CA VAL B 2 23.86 7.02 11.84
C VAL B 2 22.51 7.02 11.12
N GLN B 3 22.35 7.85 10.11
CA GLN B 3 21.08 7.86 9.40
C GLN B 3 21.12 8.71 8.16
N LEU B 4 20.18 8.41 7.24
CA LEU B 4 20.02 9.10 5.99
C LEU B 4 18.71 9.89 6.06
N GLN B 5 18.79 11.21 5.89
CA GLN B 5 17.60 12.04 5.95
C GLN B 5 17.27 12.60 4.57
N GLN B 6 16.11 12.25 4.03
CA GLN B 6 15.74 12.73 2.71
C GLN B 6 14.84 13.97 2.75
N SER B 7 14.80 14.72 1.65
CA SER B 7 13.97 15.91 1.55
C SER B 7 12.48 15.51 1.56
N GLY B 8 11.58 16.48 1.75
CA GLY B 8 10.16 16.18 1.83
C GLY B 8 9.43 15.68 0.59
N ALA B 9 8.17 15.32 0.78
CA ALA B 9 7.33 14.82 -0.32
C ALA B 9 7.22 15.83 -1.46
N GLU B 10 7.14 15.31 -2.69
CA GLU B 10 7.04 16.15 -3.86
C GLU B 10 5.75 15.92 -4.63
N LEU B 11 5.13 17.00 -5.07
CA LEU B 11 3.90 16.94 -5.87
C LEU B 11 4.28 17.83 -7.05
N VAL B 12 4.47 17.20 -8.20
CA VAL B 12 4.90 17.90 -9.40
C VAL B 12 4.02 17.64 -10.63
N LYS B 13 3.87 18.64 -11.48
CA LYS B 13 3.07 18.47 -12.70
C LYS B 13 3.92 17.78 -13.76
N PRO B 14 3.28 16.99 -14.65
CA PRO B 14 4.04 16.29 -15.69
C PRO B 14 4.80 17.30 -16.58
N GLY B 15 5.96 16.88 -17.08
CA GLY B 15 6.76 17.76 -17.92
C GLY B 15 7.74 18.55 -17.08
N ALA B 16 7.51 18.64 -15.79
CA ALA B 16 8.41 19.37 -14.90
C ALA B 16 9.56 18.43 -14.50
N SER B 17 10.44 18.94 -13.64
CA SER B 17 11.55 18.15 -13.15
C SER B 17 11.65 18.37 -11.64
N VAL B 18 12.42 17.53 -10.96
CA VAL B 18 12.54 17.65 -9.53
C VAL B 18 13.88 17.09 -9.05
N LYS B 19 14.45 17.70 -8.02
CA LYS B 19 15.72 17.25 -7.44
C LYS B 19 15.51 16.85 -5.97
N LEU B 20 15.72 15.58 -5.68
CA LEU B 20 15.57 15.04 -4.33
C LEU B 20 16.94 15.00 -3.64
N SER B 21 16.95 15.14 -2.33
CA SER B 21 18.21 15.13 -1.59
C SER B 21 18.20 14.10 -0.48
N CYS B 22 19.40 13.68 -0.09
CA CYS B 22 19.59 12.68 0.96
C CYS B 22 20.86 13.06 1.72
N THR B 23 20.72 13.39 3.00
CA THR B 23 21.87 13.80 3.81
C THR B 23 22.24 12.83 4.91
N ALA B 24 23.50 12.41 4.90
CA ALA B 24 23.99 11.46 5.89
C ALA B 24 24.54 12.10 7.15
N SER B 25 24.32 11.43 8.28
CA SER B 25 24.86 11.85 9.57
C SER B 25 25.40 10.58 10.23
N GLY B 26 26.58 10.67 10.84
CA GLY B 26 27.15 9.50 11.48
C GLY B 26 28.27 8.82 10.70
N PHE B 27 28.45 9.25 9.44
CA PHE B 27 29.50 8.74 8.56
C PHE B 27 29.60 9.70 7.38
N ASN B 28 30.71 9.62 6.64
CA ASN B 28 30.91 10.49 5.48
C ASN B 28 30.56 9.69 4.24
N ILE B 29 29.70 10.26 3.39
CA ILE B 29 29.29 9.56 2.18
C ILE B 29 30.47 9.29 1.24
N LYS B 30 31.55 10.05 1.39
CA LYS B 30 32.68 9.80 0.50
C LYS B 30 33.34 8.47 0.84
N ASP B 31 32.98 7.89 1.99
CA ASP B 31 33.58 6.62 2.39
C ASP B 31 32.79 5.39 1.95
N THR B 32 31.66 5.60 1.26
CA THR B 32 30.85 4.47 0.81
C THR B 32 30.25 4.75 -0.57
N TYR B 33 29.20 4.04 -0.93
CA TYR B 33 28.53 4.26 -2.22
C TYR B 33 27.10 4.64 -1.92
N MET B 34 26.59 5.65 -2.64
CA MET B 34 25.22 6.10 -2.43
C MET B 34 24.35 5.66 -3.59
N HIS B 35 23.12 5.26 -3.28
CA HIS B 35 22.20 4.79 -4.30
C HIS B 35 20.84 5.40 -4.14
N TRP B 36 20.05 5.29 -5.20
CA TRP B 36 18.67 5.74 -5.19
C TRP B 36 17.88 4.53 -5.71
N VAL B 37 16.78 4.22 -5.03
CA VAL B 37 15.93 3.09 -5.38
C VAL B 37 14.50 3.61 -5.47
N LYS B 38 13.78 3.14 -6.46
CA LYS B 38 12.41 3.54 -6.71
C LYS B 38 11.44 2.41 -6.43
N GLN B 39 10.31 2.73 -5.81
CA GLN B 39 9.28 1.72 -5.56
C GLN B 39 7.97 2.34 -6.01
N LYS B 40 7.42 1.85 -7.12
CA LYS B 40 6.17 2.38 -7.66
C LYS B 40 5.01 2.00 -6.75
N PRO B 41 3.93 2.79 -6.76
CA PRO B 41 2.81 2.45 -5.88
C PRO B 41 2.47 0.95 -5.93
N GLU B 42 2.48 0.31 -4.76
CA GLU B 42 2.16 -1.11 -4.63
C GLU B 42 3.05 -2.04 -5.46
N GLN B 43 4.32 -1.70 -5.65
CA GLN B 43 5.18 -2.55 -6.45
C GLN B 43 6.49 -2.98 -5.80
N GLY B 44 7.40 -3.50 -6.62
CA GLY B 44 8.69 -3.96 -6.14
C GLY B 44 9.72 -2.85 -6.13
N LEU B 45 10.97 -3.23 -5.92
CA LEU B 45 12.06 -2.25 -5.86
C LEU B 45 12.91 -2.19 -7.14
N GLU B 46 13.24 -0.98 -7.56
CA GLU B 46 14.06 -0.79 -8.76
C GLU B 46 15.26 0.07 -8.48
N TRP B 47 16.44 -0.49 -8.67
CA TRP B 47 17.65 0.28 -8.46
C TRP B 47 17.74 1.31 -9.59
N ILE B 48 18.02 2.56 -9.26
CA ILE B 48 18.11 3.62 -10.26
C ILE B 48 19.53 3.96 -10.64
N ALA B 49 20.30 4.40 -9.66
CA ALA B 49 21.66 4.78 -9.95
C ALA B 49 22.52 4.71 -8.71
N GLN B 50 23.82 4.68 -8.96
CA GLN B 50 24.85 4.62 -7.93
C GLN B 50 25.86 5.72 -8.17
N ILE B 51 26.46 6.20 -7.09
CA ILE B 51 27.52 7.21 -7.17
C ILE B 51 28.55 7.03 -6.09
N ASP B 52 29.81 7.20 -6.45
CA ASP B 52 30.91 7.13 -5.51
C ASP B 52 31.27 8.60 -5.25
N PRO B 53 30.86 9.16 -4.11
CA PRO B 53 31.14 10.57 -3.81
C PRO B 53 32.61 10.96 -3.70
N ALA B 54 33.51 9.99 -3.55
CA ALA B 54 34.94 10.33 -3.47
C ALA B 54 35.52 10.79 -4.84
N ASN B 55 34.91 10.34 -5.94
CA ASN B 55 35.37 10.72 -7.27
C ASN B 55 34.24 11.09 -8.23
N GLY B 56 33.00 10.99 -7.77
CA GLY B 56 31.88 11.34 -8.61
C GLY B 56 31.45 10.33 -9.67
N ASN B 57 32.13 9.19 -9.76
CA ASN B 57 31.78 8.19 -10.76
C ASN B 57 30.36 7.67 -10.52
N THR B 58 29.62 7.45 -11.60
CA THR B 58 28.24 6.98 -11.49
C THR B 58 27.93 5.76 -12.34
N LYS B 59 26.82 5.12 -12.00
CA LYS B 59 26.29 3.95 -12.70
C LYS B 59 24.79 4.18 -12.72
N TYR B 60 24.14 3.85 -13.84
CA TYR B 60 22.71 4.01 -14.00
C TYR B 60 22.11 2.75 -14.61
N ASP B 61 20.88 2.43 -14.24
CA ASP B 61 20.21 1.31 -14.87
C ASP B 61 19.88 1.95 -16.20
N PRO B 62 20.14 1.26 -17.32
CA PRO B 62 19.84 1.79 -18.66
C PRO B 62 18.47 2.41 -18.85
N LYS B 63 17.45 1.88 -18.19
CA LYS B 63 16.13 2.45 -18.41
C LYS B 63 15.89 3.82 -17.77
N PHE B 64 16.83 4.29 -16.96
CA PHE B 64 16.66 5.61 -16.35
C PHE B 64 17.63 6.59 -16.99
N GLN B 65 18.38 6.14 -17.99
CA GLN B 65 19.32 7.00 -18.69
C GLN B 65 18.54 8.09 -19.38
N GLY B 66 18.93 9.33 -19.18
CA GLY B 66 18.22 10.43 -19.83
C GLY B 66 17.09 10.95 -18.98
N LYS B 67 16.77 10.24 -17.91
CA LYS B 67 15.69 10.64 -17.01
C LYS B 67 16.26 11.01 -15.64
N ALA B 68 17.15 10.17 -15.13
CA ALA B 68 17.74 10.39 -13.81
C ALA B 68 19.20 10.82 -13.83
N THR B 69 19.55 11.68 -12.88
CA THR B 69 20.94 12.13 -12.74
C THR B 69 21.30 12.09 -11.27
N ILE B 70 22.32 11.32 -10.92
CA ILE B 70 22.72 11.24 -9.53
C ILE B 70 23.97 12.10 -9.35
N THR B 71 24.04 12.81 -8.23
CA THR B 71 25.20 13.66 -7.92
C THR B 71 25.40 13.59 -6.42
N ALA B 72 26.51 14.14 -5.93
CA ALA B 72 26.75 14.13 -4.50
C ALA B 72 27.62 15.32 -4.12
N ASP B 73 27.53 15.75 -2.87
CA ASP B 73 28.34 16.85 -2.41
C ASP B 73 28.95 16.39 -1.10
N THR B 74 30.24 16.10 -1.09
CA THR B 74 30.85 15.62 0.15
C THR B 74 30.95 16.67 1.24
N SER B 75 31.01 17.95 0.88
CA SER B 75 31.06 19.01 1.90
C SER B 75 29.75 19.10 2.69
N SER B 76 28.62 18.79 2.04
CA SER B 76 27.35 18.84 2.76
C SER B 76 26.94 17.40 3.14
N ASN B 77 27.74 16.43 2.70
CA ASN B 77 27.47 15.01 2.99
C ASN B 77 26.10 14.66 2.46
N THR B 78 25.81 15.15 1.25
CA THR B 78 24.51 14.94 0.62
C THR B 78 24.58 14.35 -0.78
N ALA B 79 23.69 13.40 -1.05
CA ALA B 79 23.55 12.76 -2.35
C ALA B 79 22.22 13.28 -2.95
N TYR B 80 22.18 13.48 -4.26
CA TYR B 80 20.99 14.02 -4.92
C TYR B 80 20.49 13.19 -6.08
N LEU B 81 19.19 13.27 -6.32
CA LEU B 81 18.59 12.57 -7.46
C LEU B 81 17.76 13.56 -8.25
N HIS B 82 18.14 13.79 -9.51
CA HIS B 82 17.41 14.70 -10.38
C HIS B 82 16.63 13.87 -11.40
N LEU B 83 15.33 14.17 -11.54
CA LEU B 83 14.46 13.48 -12.50
C LEU B 83 13.85 14.52 -13.43
N SER B 84 14.01 14.34 -14.74
CA SER B 84 13.47 15.29 -15.70
C SER B 84 12.29 14.74 -16.49
N SER B 85 11.58 15.63 -17.20
CA SER B 85 10.40 15.28 -18.03
C SER B 85 9.55 14.27 -17.29
N LEU B 86 9.07 14.67 -16.12
CA LEU B 86 8.26 13.79 -15.30
C LEU B 86 6.94 13.40 -15.94
N THR B 87 6.55 12.16 -15.71
CA THR B 87 5.29 11.59 -16.19
C THR B 87 4.73 10.78 -15.02
N SER B 88 3.47 10.35 -15.14
CA SER B 88 2.83 9.58 -14.08
C SER B 88 3.62 8.33 -13.72
N GLU B 89 4.40 7.83 -14.67
CA GLU B 89 5.20 6.62 -14.45
C GLU B 89 6.33 6.89 -13.44
N ASP B 90 6.60 8.17 -13.19
CA ASP B 90 7.63 8.55 -12.25
C ASP B 90 7.10 8.64 -10.84
N SER B 91 5.78 8.63 -10.68
CA SER B 91 5.21 8.69 -9.33
C SER B 91 5.66 7.44 -8.58
N ALA B 92 6.28 7.64 -7.43
CA ALA B 92 6.77 6.52 -6.66
C ALA B 92 7.43 7.06 -5.42
N VAL B 93 7.84 6.14 -4.55
CA VAL B 93 8.57 6.52 -3.35
C VAL B 93 10.03 6.31 -3.73
N TYR B 94 10.88 7.31 -3.48
CA TYR B 94 12.29 7.20 -3.82
C TYR B 94 13.12 7.09 -2.56
N TYR B 95 13.94 6.04 -2.48
CA TYR B 95 14.78 5.86 -1.32
C TYR B 95 16.22 6.03 -1.69
N CYS B 96 16.99 6.64 -0.81
CA CYS B 96 18.41 6.71 -1.07
C CYS B 96 18.93 5.63 -0.10
N ALA B 97 20.03 5.00 -0.47
CA ALA B 97 20.60 3.95 0.35
C ALA B 97 22.09 4.10 0.30
N ALA B 98 22.76 3.68 1.38
CA ALA B 98 24.21 3.72 1.46
C ALA B 98 24.73 2.32 1.77
N ASP B 99 25.72 1.85 1.01
CA ASP B 99 26.34 0.56 1.31
C ASP B 99 26.85 0.69 2.75
N PRO B 100 26.95 -0.42 3.49
CA PRO B 100 27.43 -0.35 4.88
C PRO B 100 28.64 0.56 5.09
N PRO B 101 28.47 1.65 5.83
CA PRO B 101 29.61 2.55 6.06
C PRO B 101 30.62 2.04 7.09
N TYR B 102 30.18 1.12 7.97
CA TYR B 102 31.03 0.55 9.01
C TYR B 102 30.98 -0.97 9.10
N TYR B 103 32.12 -1.55 9.43
CA TYR B 103 32.23 -2.99 9.62
C TYR B 103 31.39 -3.36 10.83
N GLY B 104 30.73 -4.53 10.77
CA GLY B 104 29.93 -4.96 11.90
C GLY B 104 28.47 -4.57 11.78
N HIS B 105 28.14 -3.71 10.83
CA HIS B 105 26.76 -3.30 10.64
C HIS B 105 26.36 -3.28 9.18
N GLY B 106 25.04 -3.24 8.94
CA GLY B 106 24.54 -3.28 7.57
C GLY B 106 24.46 -1.96 6.85
N ASP B 107 23.57 -1.92 5.86
CA ASP B 107 23.37 -0.73 5.06
C ASP B 107 22.37 0.24 5.70
N TYR B 108 22.22 1.39 5.06
CA TYR B 108 21.33 2.41 5.56
C TYR B 108 20.44 2.90 4.44
N TRP B 109 19.14 3.03 4.74
CA TRP B 109 18.13 3.51 3.79
C TRP B 109 17.45 4.72 4.40
N GLY B 110 17.19 5.74 3.57
CA GLY B 110 16.50 6.92 4.04
C GLY B 110 15.05 6.58 4.27
N GLN B 111 14.29 7.52 4.84
CA GLN B 111 12.88 7.28 5.11
C GLN B 111 12.02 7.28 3.85
N GLY B 112 12.59 7.69 2.73
CA GLY B 112 11.81 7.71 1.50
C GLY B 112 11.22 9.09 1.21
N THR B 113 11.08 9.40 -0.07
CA THR B 113 10.51 10.66 -0.51
C THR B 113 9.43 10.29 -1.52
N THR B 114 8.19 10.61 -1.21
CA THR B 114 7.08 10.32 -2.11
C THR B 114 7.05 11.38 -3.21
N LEU B 115 6.97 10.95 -4.47
CA LEU B 115 6.90 11.89 -5.56
C LEU B 115 5.61 11.59 -6.32
N THR B 116 4.72 12.58 -6.40
CA THR B 116 3.47 12.40 -7.13
C THR B 116 3.44 13.30 -8.36
N VAL B 117 3.36 12.71 -9.55
CA VAL B 117 3.31 13.50 -10.77
C VAL B 117 1.87 13.44 -11.29
N SER B 118 1.24 14.61 -11.34
CA SER B 118 -0.14 14.71 -11.76
C SER B 118 -0.46 16.15 -12.12
N SER B 119 -1.35 16.34 -13.09
CA SER B 119 -1.72 17.70 -13.49
C SER B 119 -2.96 18.11 -12.73
N ALA B 120 -3.56 17.15 -12.02
CA ALA B 120 -4.78 17.43 -11.26
C ALA B 120 -4.59 18.65 -10.37
N LYS B 121 -5.68 19.38 -10.16
CA LYS B 121 -5.68 20.56 -9.33
C LYS B 121 -6.06 20.14 -7.93
N THR B 122 -5.67 20.93 -6.94
CA THR B 122 -5.99 20.61 -5.56
C THR B 122 -7.51 20.64 -5.45
N THR B 123 -8.08 19.55 -4.97
CA THR B 123 -9.51 19.46 -4.86
C THR B 123 -9.92 18.86 -3.54
N PRO B 124 -10.84 19.52 -2.81
CA PRO B 124 -11.27 18.98 -1.52
C PRO B 124 -12.25 17.84 -1.80
N PRO B 125 -12.35 16.85 -0.89
CA PRO B 125 -13.25 15.72 -1.05
C PRO B 125 -14.71 16.04 -0.75
N SER B 126 -15.60 15.25 -1.34
CA SER B 126 -17.02 15.38 -1.09
C SER B 126 -17.22 14.23 -0.10
N VAL B 127 -17.71 14.54 1.09
CA VAL B 127 -17.91 13.55 2.15
C VAL B 127 -19.37 13.24 2.27
N TYR B 128 -19.70 11.98 2.02
CA TYR B 128 -21.08 11.53 2.06
C TYR B 128 -21.23 10.44 3.11
N PRO B 129 -22.30 10.50 3.91
CA PRO B 129 -22.56 9.51 4.96
C PRO B 129 -23.21 8.24 4.40
N LEU B 130 -22.85 7.10 4.96
CA LEU B 130 -23.41 5.84 4.53
C LEU B 130 -24.20 5.22 5.69
N ALA B 131 -25.50 5.45 5.70
CA ALA B 131 -26.36 4.91 6.75
C ALA B 131 -27.23 3.78 6.18
N PRO B 132 -27.57 2.77 7.01
CA PRO B 132 -28.40 1.65 6.56
C PRO B 132 -29.77 2.07 6.00
N GLY B 133 -30.14 1.49 4.85
CA GLY B 133 -31.42 1.80 4.24
C GLY B 133 -32.54 0.88 4.71
N SER B 134 -32.53 -0.35 4.22
CA SER B 134 -33.57 -1.33 4.58
C SER B 134 -33.86 -1.28 6.08
N ALA B 135 -34.97 -1.90 6.47
CA ALA B 135 -35.38 -1.93 7.88
C ALA B 135 -34.19 -2.18 8.79
N ALA B 136 -33.14 -2.78 8.24
CA ALA B 136 -31.92 -3.08 8.98
C ALA B 136 -32.18 -4.10 10.09
N GLN B 137 -31.89 -5.36 9.79
CA GLN B 137 -32.09 -6.44 10.75
C GLN B 137 -30.77 -7.10 11.14
N THR B 138 -29.86 -6.30 11.67
CA THR B 138 -28.55 -6.76 12.12
C THR B 138 -28.52 -6.47 13.62
N ASN B 139 -29.09 -7.40 14.37
CA ASN B 139 -29.25 -7.34 15.82
C ASN B 139 -28.29 -6.65 16.78
N SER B 140 -27.13 -7.27 17.02
CA SER B 140 -26.16 -6.73 18.00
C SER B 140 -25.29 -5.56 17.57
N MET B 141 -24.84 -5.58 16.33
CA MET B 141 -23.99 -4.53 15.81
C MET B 141 -24.49 -4.00 14.46
N VAL B 142 -24.11 -2.76 14.17
CA VAL B 142 -24.51 -2.11 12.92
C VAL B 142 -23.26 -1.50 12.25
N THR B 143 -23.22 -1.53 10.93
CA THR B 143 -22.08 -0.99 10.21
C THR B 143 -22.51 0.25 9.50
N LEU B 144 -21.74 1.31 9.68
CA LEU B 144 -22.04 2.57 9.02
C LEU B 144 -20.83 2.95 8.20
N GLY B 145 -20.96 3.97 7.37
CA GLY B 145 -19.82 4.36 6.57
C GLY B 145 -19.77 5.81 6.13
N CYS B 146 -18.69 6.11 5.43
CA CYS B 146 -18.45 7.42 4.91
C CYS B 146 -17.73 7.28 3.57
N LEU B 147 -18.16 8.06 2.60
CA LEU B 147 -17.57 8.05 1.27
C LEU B 147 -16.84 9.37 1.03
N VAL B 148 -15.52 9.32 0.91
CA VAL B 148 -14.70 10.51 0.68
C VAL B 148 -14.34 10.48 -0.79
N LYS B 149 -15.00 11.33 -1.56
CA LYS B 149 -14.85 11.28 -3.00
C LYS B 149 -14.39 12.49 -3.79
N GLY B 150 -13.65 12.19 -4.87
CA GLY B 150 -13.17 13.21 -5.79
C GLY B 150 -12.23 14.23 -5.21
N TYR B 151 -11.18 13.78 -4.55
CA TYR B 151 -10.22 14.72 -3.97
C TYR B 151 -8.80 14.56 -4.50
N PHE B 152 -8.04 15.65 -4.40
CA PHE B 152 -6.65 15.65 -4.81
C PHE B 152 -5.91 16.79 -4.10
N PRO B 153 -4.70 16.50 -3.62
CA PRO B 153 -4.05 15.19 -3.72
C PRO B 153 -4.23 14.40 -2.42
N GLU B 154 -3.46 13.34 -2.29
CA GLU B 154 -3.47 12.53 -1.07
C GLU B 154 -2.62 13.30 -0.05
N PRO B 155 -2.85 13.08 1.25
CA PRO B 155 -3.86 12.17 1.80
C PRO B 155 -5.05 12.91 2.41
N VAL B 156 -5.97 12.12 2.95
CA VAL B 156 -7.12 12.65 3.68
C VAL B 156 -6.98 11.89 4.98
N THR B 157 -7.49 12.46 6.05
CA THR B 157 -7.43 11.81 7.34
C THR B 157 -8.86 11.55 7.75
N VAL B 158 -9.16 10.29 8.04
CA VAL B 158 -10.51 9.92 8.43
C VAL B 158 -10.56 9.32 9.83
N THR B 159 -11.45 9.87 10.66
CA THR B 159 -11.63 9.38 12.02
C THR B 159 -13.11 9.37 12.29
N TRP B 160 -13.52 8.58 13.29
CA TRP B 160 -14.92 8.50 13.65
C TRP B 160 -15.11 9.08 15.04
N ASN B 161 -16.07 9.99 15.16
CA ASN B 161 -16.37 10.67 16.41
C ASN B 161 -15.10 11.30 16.97
N SER B 162 -14.39 12.00 16.09
CA SER B 162 -13.15 12.68 16.43
C SER B 162 -12.09 11.80 17.09
N GLY B 163 -11.87 10.61 16.55
CA GLY B 163 -10.86 9.72 17.09
C GLY B 163 -11.30 8.86 18.25
N SER B 164 -12.47 9.12 18.80
CA SER B 164 -12.93 8.31 19.93
C SER B 164 -13.30 6.89 19.48
N LEU B 165 -13.81 6.77 18.25
CA LEU B 165 -14.19 5.45 17.72
C LEU B 165 -13.04 4.95 16.88
N SER B 166 -12.31 3.97 17.41
CA SER B 166 -11.16 3.47 16.69
C SER B 166 -11.20 1.96 16.44
N SER B 167 -12.03 1.27 17.21
CA SER B 167 -12.16 -0.17 17.04
C SER B 167 -13.29 -0.49 16.05
N GLY B 168 -13.13 -1.55 15.28
CA GLY B 168 -14.15 -1.91 14.30
C GLY B 168 -14.25 -0.95 13.14
N VAL B 169 -13.18 -0.21 12.89
CA VAL B 169 -13.14 0.77 11.80
C VAL B 169 -12.28 0.21 10.66
N HIS B 170 -12.72 0.43 9.43
CA HIS B 170 -11.97 -0.01 8.26
C HIS B 170 -11.91 1.15 7.31
N THR B 171 -10.73 1.75 7.16
CA THR B 171 -10.56 2.86 6.23
C THR B 171 -9.78 2.24 5.08
N PHE B 172 -10.42 2.16 3.92
CA PHE B 172 -9.83 1.53 2.76
C PHE B 172 -8.88 2.40 1.97
N PRO B 173 -7.85 1.77 1.38
CA PRO B 173 -6.88 2.53 0.58
C PRO B 173 -7.62 3.31 -0.52
N ALA B 174 -7.21 4.54 -0.75
CA ALA B 174 -7.84 5.36 -1.76
C ALA B 174 -7.63 4.81 -3.15
N VAL B 175 -8.54 5.13 -4.06
CA VAL B 175 -8.42 4.67 -5.42
C VAL B 175 -8.47 5.88 -6.33
N LEU B 176 -7.70 5.82 -7.41
CA LEU B 176 -7.66 6.93 -8.36
C LEU B 176 -8.66 6.73 -9.48
N GLN B 177 -9.53 7.71 -9.67
CA GLN B 177 -10.51 7.65 -10.74
C GLN B 177 -10.58 9.00 -11.41
N SER B 178 -9.89 9.10 -12.54
CA SER B 178 -9.84 10.32 -13.33
C SER B 178 -9.02 11.41 -12.68
N ASP B 179 -7.78 11.08 -12.34
CA ASP B 179 -6.88 12.03 -11.70
C ASP B 179 -7.29 12.37 -10.26
N LEU B 180 -8.51 12.04 -9.87
CA LEU B 180 -8.98 12.32 -8.51
C LEU B 180 -9.12 11.04 -7.68
N TYR B 181 -8.90 11.15 -6.37
CA TYR B 181 -8.95 10.00 -5.46
C TYR B 181 -10.30 9.85 -4.79
N THR B 182 -10.60 8.62 -4.42
CA THR B 182 -11.84 8.34 -3.71
C THR B 182 -11.53 7.24 -2.72
N LEU B 183 -12.09 7.37 -1.52
CA LEU B 183 -11.86 6.38 -0.50
C LEU B 183 -13.14 6.23 0.33
N SER B 184 -13.22 5.18 1.13
CA SER B 184 -14.39 4.98 1.97
C SER B 184 -13.95 4.44 3.31
N SER B 185 -14.79 4.61 4.33
CA SER B 185 -14.46 4.11 5.64
C SER B 185 -15.71 3.57 6.30
N SER B 186 -15.58 2.42 6.94
CA SER B 186 -16.70 1.79 7.60
C SER B 186 -16.42 1.67 9.08
N VAL B 187 -17.47 1.70 9.89
CA VAL B 187 -17.34 1.55 11.33
C VAL B 187 -18.51 0.73 11.85
N THR B 188 -18.22 -0.27 12.69
CA THR B 188 -19.27 -1.11 13.26
C THR B 188 -19.37 -0.84 14.77
N VAL B 189 -20.58 -0.54 15.22
CA VAL B 189 -20.81 -0.23 16.63
C VAL B 189 -22.07 -0.96 17.11
N PRO B 190 -22.25 -1.07 18.44
CA PRO B 190 -23.45 -1.75 18.96
C PRO B 190 -24.70 -1.07 18.41
N SER B 191 -25.67 -1.85 17.96
CA SER B 191 -26.88 -1.27 17.41
C SER B 191 -27.76 -0.76 18.54
N SER B 192 -27.44 -1.21 19.75
CA SER B 192 -28.23 -0.81 20.92
C SER B 192 -28.06 0.67 21.18
N THR B 193 -26.89 1.19 20.85
CA THR B 193 -26.60 2.59 21.11
C THR B 193 -26.49 3.49 19.88
N TRP B 194 -27.08 3.06 18.78
CA TRP B 194 -27.12 3.88 17.58
C TRP B 194 -28.58 3.82 17.12
N PRO B 195 -29.13 4.95 16.65
CA PRO B 195 -28.50 6.27 16.52
C PRO B 195 -28.56 7.17 17.76
N SER B 196 -28.87 6.61 18.93
CA SER B 196 -28.95 7.40 20.16
C SER B 196 -27.65 8.16 20.43
N GLU B 197 -26.53 7.44 20.35
CA GLU B 197 -25.22 8.06 20.54
C GLU B 197 -24.72 8.28 19.11
N THR B 198 -24.71 9.54 18.69
CA THR B 198 -24.32 9.90 17.33
C THR B 198 -22.96 9.39 16.87
N VAL B 199 -22.92 9.02 15.60
CA VAL B 199 -21.68 8.56 14.98
C VAL B 199 -21.41 9.57 13.87
N THR B 200 -20.27 10.24 13.98
CA THR B 200 -19.85 11.25 13.03
C THR B 200 -18.56 10.80 12.36
N CYS B 201 -18.47 11.14 11.09
CA CYS B 201 -17.30 10.82 10.31
C CYS B 201 -16.57 12.16 10.12
N ASN B 202 -15.29 12.19 10.50
CA ASN B 202 -14.48 13.40 10.38
C ASN B 202 -13.40 13.20 9.31
N VAL B 203 -13.50 13.98 8.26
CA VAL B 203 -12.57 13.90 7.15
C VAL B 203 -11.76 15.18 7.06
N ALA B 204 -10.45 15.03 6.96
CA ALA B 204 -9.55 16.16 6.86
C ALA B 204 -8.67 16.06 5.62
N HIS B 205 -8.64 17.11 4.84
CA HIS B 205 -7.81 17.13 3.65
C HIS B 205 -6.84 18.30 3.83
N PRO B 206 -5.60 18.00 4.24
CA PRO B 206 -4.58 19.02 4.45
C PRO B 206 -4.34 19.98 3.29
N ALA B 207 -4.10 19.43 2.11
CA ALA B 207 -3.81 20.25 0.93
C ALA B 207 -4.84 21.31 0.60
N SER B 208 -6.10 21.05 0.89
CA SER B 208 -7.14 22.03 0.61
C SER B 208 -7.61 22.72 1.89
N SER B 209 -6.91 22.45 2.99
CA SER B 209 -7.26 23.03 4.29
C SER B 209 -8.76 22.94 4.55
N THR B 210 -9.30 21.72 4.38
CA THR B 210 -10.72 21.45 4.61
C THR B 210 -10.85 20.42 5.70
N LYS B 211 -11.99 20.46 6.37
CA LYS B 211 -12.31 19.52 7.42
C LYS B 211 -13.81 19.50 7.50
N VAL B 212 -14.40 18.35 7.16
CA VAL B 212 -15.85 18.20 7.16
C VAL B 212 -16.28 17.16 8.20
N ASP B 213 -17.39 17.46 8.87
CA ASP B 213 -17.95 16.54 9.86
C ASP B 213 -19.31 16.12 9.32
N LYS B 214 -19.40 14.87 8.87
CA LYS B 214 -20.67 14.37 8.35
C LYS B 214 -21.24 13.38 9.36
N LYS B 215 -22.37 13.77 9.95
CA LYS B 215 -23.05 12.95 10.95
C LYS B 215 -23.97 11.93 10.27
N ILE B 216 -23.84 10.66 10.66
CA ILE B 216 -24.67 9.62 10.07
C ILE B 216 -26.06 9.64 10.69
N VAL B 217 -27.08 9.79 9.85
CA VAL B 217 -28.46 9.82 10.33
C VAL B 217 -29.34 8.74 9.70
#